data_8DHA
#
_entry.id   8DHA
#
_cell.length_a   1.00
_cell.length_b   1.00
_cell.length_c   1.00
_cell.angle_alpha   90.00
_cell.angle_beta   90.00
_cell.angle_gamma   90.00
#
_symmetry.space_group_name_H-M   'P 1'
#
loop_
_entity.id
_entity.type
_entity.pdbx_description
1 polymer 'Leptin receptor'
2 polymer Leptin
3 non-polymer 2-acetamido-2-deoxy-beta-D-glucopyranose
#
loop_
_entity_poly.entity_id
_entity_poly.type
_entity_poly.pdbx_seq_one_letter_code
_entity_poly.pdbx_strand_id
1 'polypeptide(L)'
;DVVYFPPKILTSVGSNASFHCIYKNENQIISSKQIVWWRNLAEKIPEIQYSIVSDRVSKVTFSNLKATRPRGKFTYDAVY
CCNEQACHHRYAELYVIDVNINISCETDGYLTKMTCRWSPSTIQSLVGSTVQLRYHRRSLYCPDSPSIHPTSEPKNCVLQ
RDGFYECVFQPIFLLSGYTMWIRINHSLGSLDSPPTCVLPDSVVKPLPPSNVKAEITVNTGLLKVSWEKPVFPENNLQFQ
IRYGLSGKEIQWKTHEVFDAKSKSASLLVSDLCAVYVVQVRCRRLDGLGYWSNWSSPAYTLVMDVKVPMRGPEFWRKMDG
DVTKKERNVTLLWKPLTKNDSLCSVRRYVVKHRTAHNGTWSEDVGNRTNLTFLWTEPAHTVTVLAVNSLGASLVNFNLTF
SWPMSKVSAVESLSAYPLSSSCVILSWTLSPDDYSLLYLVIEWKILNEDDGMKWLRIPSNVKKFYIHDNFIPIEKYQFSL
YPVFMEGVGKPKIINGFTKDAIDKQQNDAGGSGGMKQLEDKVEELLSKNYHLENEVARLKKLVGERSGGHHHHHH
;
A,B
2 'polypeptide(L)'
;VPIQKVQDDTKTLIKTIVTRINDISHTQSVSAKQRVTGLDFIPGLHPILSLSKMDQTLAVYQQVLTSLPSQNVLQIANDL
ENLRDLLHLLAFSKSCSLPQTSGLQKPESLDGVLEASLYSTEVVALSRLQGSLQDILQQLDVSPEC
;
C
#
loop_
_chem_comp.id
_chem_comp.type
_chem_comp.name
_chem_comp.formula
NAG D-saccharide, beta linking 2-acetamido-2-deoxy-beta-D-glucopyranose 'C8 H15 N O6'
#
# COMPACT_ATOMS: atom_id res chain seq x y z
N VAL A 3 20.72 -13.08 -25.34
CA VAL A 3 21.63 -12.66 -26.41
C VAL A 3 21.08 -11.42 -27.09
N TYR A 4 21.59 -10.26 -26.68
CA TYR A 4 21.19 -8.97 -27.21
C TYR A 4 22.42 -8.22 -27.70
N PHE A 5 22.22 -7.34 -28.68
CA PHE A 5 23.30 -6.47 -29.11
C PHE A 5 22.76 -5.21 -29.78
N PRO A 6 23.00 -4.02 -29.22
CA PRO A 6 23.62 -3.76 -27.92
C PRO A 6 22.60 -3.86 -26.80
N PRO A 7 23.02 -4.05 -25.55
CA PRO A 7 22.06 -4.19 -24.46
C PRO A 7 21.48 -2.86 -24.00
N LYS A 8 22.16 -1.76 -24.30
CA LYS A 8 21.71 -0.45 -23.86
C LYS A 8 22.12 0.60 -24.90
N ILE A 9 21.48 1.77 -24.82
CA ILE A 9 21.75 2.86 -25.73
C ILE A 9 21.39 4.19 -25.05
N LEU A 10 22.07 5.24 -25.50
CA LEU A 10 21.88 6.59 -24.96
C LEU A 10 21.60 7.54 -26.11
N THR A 11 20.47 8.26 -26.04
CA THR A 11 20.15 9.25 -27.04
C THR A 11 19.02 10.14 -26.52
N SER A 12 19.19 11.44 -26.70
CA SER A 12 18.21 12.43 -26.25
C SER A 12 17.00 12.43 -27.17
N VAL A 13 15.97 13.17 -26.76
CA VAL A 13 14.74 13.25 -27.55
C VAL A 13 15.02 13.95 -28.86
N GLY A 14 14.62 13.32 -29.97
CA GLY A 14 14.77 13.94 -31.26
C GLY A 14 15.34 13.05 -32.35
N SER A 15 15.52 11.77 -32.06
CA SER A 15 16.08 10.85 -33.05
C SER A 15 15.56 9.44 -32.80
N ASN A 16 15.82 8.57 -33.77
CA ASN A 16 15.25 7.24 -33.82
C ASN A 16 16.00 6.31 -32.86
N ALA A 17 15.70 5.00 -32.94
CA ALA A 17 16.33 4.00 -32.09
C ALA A 17 16.49 2.71 -32.87
N SER A 18 17.44 1.88 -32.45
CA SER A 18 17.77 0.65 -33.16
C SER A 18 18.10 -0.45 -32.17
N PHE A 19 17.53 -1.65 -32.39
CA PHE A 19 17.72 -2.80 -31.54
C PHE A 19 18.07 -4.02 -32.38
N HIS A 20 18.50 -5.08 -31.71
CA HIS A 20 18.77 -6.37 -32.34
C HIS A 20 18.70 -7.46 -31.27
N CYS A 21 17.90 -8.49 -31.52
CA CYS A 21 17.75 -9.59 -30.57
C CYS A 21 17.73 -10.92 -31.30
N ILE A 22 18.24 -11.94 -30.63
CA ILE A 22 18.09 -13.34 -31.04
C ILE A 22 17.59 -14.12 -29.85
N TYR A 23 16.54 -14.90 -30.04
CA TYR A 23 15.91 -15.64 -28.95
C TYR A 23 16.47 -17.06 -28.91
N LYS A 24 16.86 -17.50 -27.71
CA LYS A 24 17.34 -18.86 -27.48
C LYS A 24 16.36 -19.57 -26.56
N ASN A 25 15.92 -20.76 -26.98
CA ASN A 25 14.99 -21.57 -26.20
C ASN A 25 15.50 -22.99 -26.14
N GLU A 26 15.77 -23.47 -24.92
CA GLU A 26 16.29 -24.82 -24.70
C GLU A 26 17.51 -25.06 -25.59
N ASN A 27 17.35 -25.91 -26.60
CA ASN A 27 18.40 -26.15 -27.58
C ASN A 27 17.92 -25.85 -29.00
N GLN A 28 16.89 -25.02 -29.12
CA GLN A 28 16.34 -24.66 -30.42
C GLN A 28 16.24 -23.15 -30.53
N ILE A 29 16.59 -22.63 -31.70
CA ILE A 29 16.55 -21.20 -32.00
C ILE A 29 15.38 -20.96 -32.96
N ILE A 30 14.45 -20.11 -32.55
CA ILE A 30 13.27 -19.84 -33.35
C ILE A 30 13.66 -18.96 -34.54
N SER A 31 12.86 -19.05 -35.60
CA SER A 31 13.06 -18.18 -36.74
C SER A 31 12.63 -16.75 -36.40
N SER A 32 12.71 -15.87 -37.39
CA SER A 32 12.44 -14.45 -37.18
C SER A 32 11.06 -14.01 -37.62
N LYS A 33 10.45 -14.69 -38.60
CA LYS A 33 9.16 -14.26 -39.12
C LYS A 33 8.04 -14.35 -38.09
N GLN A 34 8.23 -15.07 -36.98
CA GLN A 34 7.19 -15.23 -35.98
C GLN A 34 7.34 -14.30 -34.78
N ILE A 35 8.51 -13.70 -34.58
CA ILE A 35 8.75 -12.94 -33.36
C ILE A 35 7.87 -11.69 -33.33
N VAL A 36 7.52 -11.27 -32.12
CA VAL A 36 6.86 -9.99 -31.89
C VAL A 36 7.60 -9.27 -30.77
N TRP A 37 7.80 -7.97 -30.92
CA TRP A 37 8.49 -7.15 -29.94
C TRP A 37 7.53 -6.75 -28.82
N TRP A 38 8.10 -6.27 -27.72
CA TRP A 38 7.31 -5.83 -26.58
C TRP A 38 8.04 -4.70 -25.86
N ARG A 39 7.24 -3.82 -25.25
CA ARG A 39 7.75 -2.68 -24.50
C ARG A 39 7.06 -2.62 -23.15
N ASN A 40 7.87 -2.70 -22.09
CA ASN A 40 7.39 -2.54 -20.70
C ASN A 40 6.30 -3.54 -20.34
N LEU A 41 6.13 -4.58 -21.14
CA LEU A 41 5.06 -5.57 -20.96
C LEU A 41 3.68 -4.91 -20.84
N ALA A 42 3.49 -3.80 -21.55
CA ALA A 42 2.22 -3.07 -21.43
C ALA A 42 1.65 -2.72 -22.80
N GLU A 43 2.50 -2.59 -23.80
CA GLU A 43 2.09 -2.13 -25.12
C GLU A 43 2.63 -3.04 -26.21
N LYS A 44 1.79 -3.35 -27.18
CA LYS A 44 2.20 -4.12 -28.36
C LYS A 44 2.47 -3.15 -29.50
N ILE A 45 3.58 -3.36 -30.20
CA ILE A 45 3.99 -2.45 -31.27
C ILE A 45 3.44 -2.96 -32.60
N PRO A 46 2.69 -2.13 -33.33
CA PRO A 46 2.16 -2.56 -34.63
C PRO A 46 3.25 -3.07 -35.56
N GLU A 47 2.83 -3.88 -36.53
CA GLU A 47 3.76 -4.61 -37.39
C GLU A 47 4.49 -3.73 -38.39
N ILE A 48 4.11 -2.46 -38.53
CA ILE A 48 4.83 -1.57 -39.44
C ILE A 48 6.26 -1.31 -38.96
N GLN A 49 6.51 -1.42 -37.66
CA GLN A 49 7.74 -0.94 -37.06
C GLN A 49 8.84 -1.98 -37.00
N TYR A 50 8.74 -3.09 -37.72
CA TYR A 50 9.78 -4.11 -37.71
C TYR A 50 10.44 -4.26 -39.08
N SER A 51 11.56 -4.98 -39.08
CA SER A 51 12.27 -5.33 -40.30
C SER A 51 13.12 -6.56 -40.00
N ILE A 52 13.48 -7.27 -41.06
CA ILE A 52 14.21 -8.54 -40.95
C ILE A 52 15.49 -8.41 -41.76
N VAL A 53 16.63 -8.48 -41.06
CA VAL A 53 17.92 -8.43 -41.76
C VAL A 53 18.27 -9.79 -42.35
N SER A 54 18.02 -10.85 -41.58
CA SER A 54 18.34 -12.20 -42.02
C SER A 54 17.42 -13.17 -41.28
N ASP A 55 17.66 -14.47 -41.47
CA ASP A 55 16.74 -15.47 -40.97
C ASP A 55 16.69 -15.51 -39.45
N ARG A 56 17.68 -14.95 -38.76
CA ARG A 56 17.83 -15.19 -37.33
C ARG A 56 17.85 -13.94 -36.46
N VAL A 57 17.40 -12.79 -36.94
CA VAL A 57 17.46 -11.56 -36.16
C VAL A 57 16.20 -10.74 -36.40
N SER A 58 15.65 -10.17 -35.33
CA SER A 58 14.52 -9.25 -35.42
C SER A 58 15.02 -7.82 -35.26
N LYS A 59 14.66 -6.95 -36.19
CA LYS A 59 15.09 -5.55 -36.19
C LYS A 59 13.87 -4.65 -36.03
N VAL A 60 13.98 -3.66 -35.13
CA VAL A 60 12.93 -2.70 -34.89
C VAL A 60 13.54 -1.30 -34.91
N THR A 61 12.88 -0.38 -35.60
CA THR A 61 13.31 1.02 -35.66
C THR A 61 12.18 1.89 -35.15
N PHE A 62 12.38 2.53 -34.00
CA PHE A 62 11.39 3.45 -33.45
C PHE A 62 11.47 4.79 -34.16
N SER A 63 10.43 5.60 -33.98
CA SER A 63 10.36 6.90 -34.62
C SER A 63 9.77 7.93 -33.66
N ASN A 64 10.39 9.11 -33.61
CA ASN A 64 9.96 10.22 -32.77
C ASN A 64 9.74 9.78 -31.32
N LEU A 65 10.82 9.27 -30.73
CA LEU A 65 10.77 8.86 -29.33
C LEU A 65 10.52 10.05 -28.43
N LYS A 66 9.73 9.83 -27.38
CA LYS A 66 9.41 10.85 -26.40
C LYS A 66 10.13 10.55 -25.10
N ALA A 67 10.38 11.59 -24.32
CA ALA A 67 11.08 11.44 -23.05
C ALA A 67 10.33 10.46 -22.15
N THR A 68 11.06 9.49 -21.62
CA THR A 68 10.42 8.46 -20.80
C THR A 68 9.98 9.02 -19.46
N ARG A 69 8.93 8.45 -18.93
CA ARG A 69 8.36 8.83 -17.64
C ARG A 69 8.95 7.96 -16.54
N PRO A 70 9.42 8.55 -15.44
CA PRO A 70 9.98 7.74 -14.35
C PRO A 70 8.95 6.76 -13.80
N ARG A 71 9.42 5.56 -13.45
CA ARG A 71 8.57 4.51 -12.93
C ARG A 71 9.24 3.96 -11.67
N GLY A 72 8.82 4.46 -10.51
CA GLY A 72 9.42 4.04 -9.26
C GLY A 72 10.89 4.40 -9.22
N LYS A 73 11.68 3.54 -8.60
CA LYS A 73 13.13 3.75 -8.55
C LYS A 73 13.78 3.58 -9.91
N PHE A 74 13.08 3.00 -10.87
CA PHE A 74 13.67 2.71 -12.17
C PHE A 74 13.67 3.96 -13.05
N THR A 75 14.71 4.10 -13.86
CA THR A 75 14.85 5.24 -14.76
C THR A 75 15.04 4.82 -16.21
N TYR A 76 14.81 3.55 -16.55
CA TYR A 76 14.89 3.09 -17.92
C TYR A 76 13.63 2.31 -18.29
N ASP A 77 13.37 2.24 -19.59
CA ASP A 77 12.29 1.43 -20.12
C ASP A 77 12.87 0.17 -20.75
N ALA A 78 12.20 -0.95 -20.54
CA ALA A 78 12.68 -2.25 -21.01
C ALA A 78 11.90 -2.70 -22.23
N VAL A 79 12.60 -3.37 -23.14
CA VAL A 79 12.02 -3.90 -24.36
C VAL A 79 12.40 -5.36 -24.46
N TYR A 80 11.41 -6.22 -24.72
CA TYR A 80 11.60 -7.66 -24.73
C TYR A 80 11.26 -8.25 -26.09
N CYS A 81 12.09 -9.21 -26.52
CA CYS A 81 11.80 -10.04 -27.70
C CYS A 81 11.25 -11.37 -27.20
N CYS A 82 10.07 -11.74 -27.70
CA CYS A 82 9.34 -12.89 -27.19
C CYS A 82 8.84 -13.76 -28.34
N ASN A 83 8.63 -15.03 -28.04
CA ASN A 83 8.11 -16.00 -28.99
C ASN A 83 6.63 -16.22 -28.69
N GLU A 84 5.78 -15.98 -29.70
CA GLU A 84 4.34 -16.04 -29.52
C GLU A 84 3.92 -15.21 -28.31
N GLN A 85 3.72 -15.87 -27.16
CA GLN A 85 3.47 -15.18 -25.90
C GLN A 85 4.45 -15.61 -24.83
N ALA A 86 5.66 -16.02 -25.21
CA ALA A 86 6.69 -16.48 -24.28
C ALA A 86 7.87 -15.51 -24.33
N CYS A 87 8.12 -14.81 -23.23
CA CYS A 87 9.16 -13.80 -23.14
C CYS A 87 10.34 -14.34 -22.33
N HIS A 88 11.54 -14.13 -22.84
CA HIS A 88 12.74 -14.51 -22.08
C HIS A 88 13.00 -13.49 -20.97
N HIS A 89 13.78 -13.90 -19.98
CA HIS A 89 13.99 -13.06 -18.80
C HIS A 89 14.80 -11.82 -19.12
N ARG A 90 15.81 -11.96 -19.98
CA ARG A 90 16.69 -10.82 -20.27
C ARG A 90 15.98 -9.77 -21.10
N TYR A 91 16.54 -8.56 -21.09
CA TYR A 91 15.97 -7.45 -21.85
C TYR A 91 17.06 -6.43 -22.14
N ALA A 92 16.75 -5.53 -23.07
CA ALA A 92 17.63 -4.41 -23.39
C ALA A 92 17.22 -3.18 -22.59
N GLU A 93 18.17 -2.26 -22.44
CA GLU A 93 17.99 -1.07 -21.63
C GLU A 93 17.82 0.15 -22.54
N LEU A 94 16.77 0.91 -22.30
CA LEU A 94 16.48 2.12 -23.07
C LEU A 94 16.64 3.34 -22.18
N TYR A 95 17.49 4.26 -22.59
CA TYR A 95 17.78 5.48 -21.82
C TYR A 95 17.69 6.68 -22.74
N VAL A 96 17.05 7.74 -22.26
CA VAL A 96 16.94 8.97 -23.04
C VAL A 96 17.53 10.13 -22.25
N ASP B 98 3.14 9.34 43.30
CA ASP B 98 2.45 8.87 42.11
C ASP B 98 2.99 9.56 40.87
N VAL B 99 2.82 8.90 39.72
CA VAL B 99 3.23 9.46 38.45
C VAL B 99 2.22 9.04 37.39
N ASN B 100 1.87 9.95 36.49
CA ASN B 100 0.88 9.70 35.45
C ASN B 100 1.30 10.44 34.19
N ILE B 101 1.27 9.75 33.05
CA ILE B 101 1.61 10.33 31.76
C ILE B 101 0.54 9.90 30.77
N ASN B 102 -0.28 10.85 30.32
CA ASN B 102 -1.20 10.56 29.24
C ASN B 102 -0.43 10.31 27.95
N ILE B 103 -0.97 9.40 27.14
CA ILE B 103 -0.33 9.01 25.88
C ILE B 103 -1.29 9.30 24.74
N SER B 104 -0.79 9.98 23.70
CA SER B 104 -1.54 10.25 22.49
C SER B 104 -0.74 9.80 21.28
N CYS B 105 -1.42 9.17 20.33
CA CYS B 105 -0.78 8.70 19.11
C CYS B 105 -1.53 9.25 17.90
N GLU B 106 -0.81 9.32 16.77
CA GLU B 106 -1.32 9.94 15.56
C GLU B 106 -0.88 9.11 14.36
N THR B 107 -1.79 8.89 13.43
CA THR B 107 -1.52 8.09 12.24
C THR B 107 -1.88 8.89 10.98
N ASP B 108 -0.96 8.92 10.03
CA ASP B 108 -1.22 9.56 8.76
C ASP B 108 -2.18 8.72 7.92
N GLY B 109 -2.78 9.36 6.91
CA GLY B 109 -3.79 8.70 6.10
C GLY B 109 -3.26 7.68 5.12
N TYR B 110 -1.95 7.67 4.88
CA TYR B 110 -1.35 6.72 3.95
C TYR B 110 -1.04 5.38 4.58
N LEU B 111 -1.21 5.26 5.91
CA LEU B 111 -0.92 4.02 6.64
C LEU B 111 0.54 3.59 6.47
N THR B 112 1.44 4.57 6.44
CA THR B 112 2.87 4.29 6.38
C THR B 112 3.66 4.98 7.48
N LYS B 113 2.99 5.72 8.37
CA LYS B 113 3.70 6.46 9.41
C LYS B 113 2.89 6.45 10.69
N MET B 114 3.55 6.19 11.82
CA MET B 114 2.95 6.28 13.14
C MET B 114 3.64 7.38 13.93
N THR B 115 2.84 8.26 14.55
CA THR B 115 3.36 9.32 15.38
C THR B 115 2.67 9.26 16.75
N CYS B 116 3.46 9.32 17.81
CA CYS B 116 2.92 9.34 19.16
C CYS B 116 3.59 10.46 19.95
N ARG B 117 2.83 11.04 20.87
CA ARG B 117 3.24 12.21 21.62
C ARG B 117 2.81 12.05 23.07
N TRP B 118 3.65 12.52 23.99
CA TRP B 118 3.32 12.44 25.41
C TRP B 118 3.97 13.60 26.14
N SER B 119 3.32 14.05 27.21
CA SER B 119 3.65 15.27 27.93
C SER B 119 4.71 15.00 29.00
N PRO B 120 5.69 15.90 29.10
CA PRO B 120 6.72 15.76 30.13
C PRO B 120 6.36 16.46 31.44
N SER B 121 5.08 16.73 31.64
CA SER B 121 4.62 17.61 32.71
C SER B 121 4.90 17.11 34.12
N THR B 122 5.50 15.96 34.43
CA THR B 122 5.76 15.64 35.83
C THR B 122 7.12 14.97 36.02
N ILE B 123 8.10 15.29 35.17
CA ILE B 123 9.44 14.77 35.32
C ILE B 123 10.48 15.85 35.58
N GLN B 124 10.16 17.12 35.37
CA GLN B 124 11.13 18.19 35.54
C GLN B 124 11.70 18.24 36.95
N SER B 125 10.98 17.73 37.94
CA SER B 125 11.41 17.82 39.32
C SER B 125 12.36 16.70 39.73
N LEU B 126 12.98 16.01 38.77
CA LEU B 126 13.94 14.95 39.05
C LEU B 126 15.27 15.33 38.42
N VAL B 127 16.15 15.93 39.22
CA VAL B 127 17.45 16.39 38.71
C VAL B 127 18.27 15.20 38.26
N GLY B 128 18.81 15.29 37.04
CA GLY B 128 19.64 14.23 36.52
C GLY B 128 18.91 13.05 35.94
N SER B 129 17.60 13.17 35.71
CA SER B 129 16.79 12.05 35.27
C SER B 129 16.84 11.93 33.75
N THR B 130 17.52 10.90 33.25
CA THR B 130 17.53 10.61 31.84
C THR B 130 16.17 10.05 31.42
N VAL B 131 15.72 10.44 30.23
CA VAL B 131 14.45 9.96 29.70
C VAL B 131 14.72 8.93 28.61
N GLN B 132 13.74 8.07 28.36
CA GLN B 132 13.83 7.01 27.38
C GLN B 132 12.45 6.38 27.19
N LEU B 133 12.27 5.62 26.11
CA LEU B 133 10.98 5.00 25.83
C LEU B 133 11.19 3.53 25.47
N ARG B 134 10.29 2.67 25.96
CA ARG B 134 10.30 1.25 25.66
C ARG B 134 8.97 0.88 25.01
N TYR B 135 9.05 0.07 23.95
CA TYR B 135 7.85 -0.43 23.28
C TYR B 135 8.00 -1.92 23.03
N HIS B 136 6.91 -2.66 23.24
CA HIS B 136 6.86 -4.08 22.98
C HIS B 136 5.75 -4.38 21.98
N ARG B 137 6.06 -5.24 21.01
CA ARG B 137 5.13 -5.61 19.96
C ARG B 137 4.49 -6.96 20.29
N ARG B 138 3.28 -7.16 19.79
CA ARG B 138 2.54 -8.40 19.97
C ARG B 138 2.21 -9.01 18.61
N SER B 139 1.94 -10.31 18.62
CA SER B 139 1.58 -11.00 17.40
C SER B 139 0.27 -10.46 16.81
N LEU B 140 -0.78 -10.40 17.63
CA LEU B 140 -2.06 -9.89 17.18
C LEU B 140 -2.79 -9.23 18.34
N TYR B 141 -3.35 -8.04 18.08
CA TYR B 141 -4.33 -7.38 18.94
C TYR B 141 -3.78 -6.90 20.27
N CYS B 142 -4.36 -5.83 20.80
CA CYS B 142 -4.10 -5.42 22.17
C CYS B 142 -4.80 -6.38 23.13
N PRO B 143 -4.20 -6.64 24.29
CA PRO B 143 -4.81 -7.59 25.23
C PRO B 143 -5.86 -6.95 26.13
N ASP B 144 -6.40 -7.74 27.05
CA ASP B 144 -7.43 -7.22 27.95
C ASP B 144 -6.83 -6.31 29.00
N SER B 145 -5.93 -6.83 29.82
CA SER B 145 -5.28 -6.05 30.86
C SER B 145 -3.84 -5.77 30.46
N PRO B 146 -3.47 -4.52 30.21
CA PRO B 146 -2.08 -4.22 29.84
C PRO B 146 -1.12 -4.50 30.99
N SER B 147 0.12 -4.79 30.62
CA SER B 147 1.16 -5.10 31.60
C SER B 147 2.52 -4.84 30.96
N ILE B 148 3.56 -4.97 31.78
CA ILE B 148 4.93 -4.71 31.33
C ILE B 148 5.53 -6.00 30.81
N HIS B 149 6.00 -5.96 29.57
CA HIS B 149 6.63 -7.13 28.97
C HIS B 149 8.11 -7.15 29.33
N PRO B 150 8.62 -8.25 29.90
CA PRO B 150 10.02 -8.26 30.34
C PRO B 150 11.02 -7.94 29.22
N THR B 151 10.74 -8.38 28.01
CA THR B 151 11.59 -8.07 26.86
C THR B 151 10.95 -6.96 26.05
N SER B 152 11.72 -5.92 25.74
CA SER B 152 11.22 -4.76 25.02
C SER B 152 12.24 -4.31 23.99
N GLU B 153 11.96 -3.18 23.37
CA GLU B 153 12.86 -2.57 22.38
C GLU B 153 12.89 -1.06 22.57
N PRO B 154 14.06 -0.46 22.71
CA PRO B 154 14.13 0.99 22.90
C PRO B 154 13.87 1.74 21.60
N LYS B 155 13.59 3.03 21.75
CA LYS B 155 13.39 3.92 20.60
C LYS B 155 13.54 5.35 21.07
N ASN B 156 14.47 6.09 20.47
CA ASN B 156 14.75 7.45 20.89
C ASN B 156 13.64 8.40 20.45
N CYS B 157 13.51 9.51 21.16
CA CYS B 157 12.56 10.56 20.83
C CYS B 157 13.22 11.92 20.94
N VAL B 158 12.70 12.88 20.18
CA VAL B 158 13.30 14.19 20.05
C VAL B 158 12.38 15.23 20.69
N LEU B 159 12.98 16.32 21.14
CA LEU B 159 12.27 17.42 21.79
C LEU B 159 11.97 18.52 20.77
N GLN B 160 10.71 18.93 20.71
CA GLN B 160 10.28 20.00 19.82
C GLN B 160 10.18 21.31 20.60
N ARG B 161 9.72 22.36 19.93
CA ARG B 161 9.66 23.69 20.54
C ARG B 161 8.42 23.89 21.39
N ASP B 162 7.32 23.21 21.07
CA ASP B 162 6.07 23.43 21.79
C ASP B 162 6.06 22.80 23.18
N GLY B 163 7.03 21.94 23.50
CA GLY B 163 7.08 21.32 24.80
C GLY B 163 6.54 19.91 24.87
N PHE B 164 6.65 19.14 23.79
CA PHE B 164 6.19 17.76 23.75
C PHE B 164 7.28 16.88 23.15
N TYR B 165 7.53 15.74 23.79
CA TYR B 165 8.44 14.76 23.22
C TYR B 165 7.86 14.18 21.95
N GLU B 166 8.72 13.90 20.97
CA GLU B 166 8.26 13.47 19.66
C GLU B 166 9.13 12.32 19.15
N CYS B 167 8.49 11.28 18.64
CA CYS B 167 9.17 10.18 17.97
C CYS B 167 8.15 9.38 17.17
N VAL B 168 8.66 8.54 16.26
CA VAL B 168 7.84 7.87 15.27
C VAL B 168 8.26 6.41 15.14
N PHE B 169 7.42 5.64 14.45
CA PHE B 169 7.68 4.25 14.13
C PHE B 169 7.58 4.04 12.62
N GLN B 170 8.51 3.26 12.06
CA GLN B 170 8.58 3.06 10.62
C GLN B 170 9.38 1.79 10.33
N PRO B 171 8.80 0.82 9.61
CA PRO B 171 7.44 0.75 9.08
C PRO B 171 6.43 0.37 10.15
N ILE B 172 5.13 0.44 9.83
CA ILE B 172 4.09 0.19 10.80
C ILE B 172 3.33 -1.07 10.41
N PHE B 173 2.58 -1.60 11.37
CA PHE B 173 1.81 -2.82 11.20
C PHE B 173 0.33 -2.49 11.31
N LEU B 174 -0.47 -3.05 10.40
CA LEU B 174 -1.89 -2.68 10.35
C LEU B 174 -2.67 -3.32 11.50
N LEU B 175 -2.37 -4.58 11.82
CA LEU B 175 -3.14 -5.33 12.80
C LEU B 175 -2.24 -6.02 13.82
N SER B 176 -1.29 -5.27 14.37
CA SER B 176 -0.39 -5.78 15.40
C SER B 176 -0.43 -4.86 16.60
N GLY B 177 -0.59 -5.43 17.79
CA GLY B 177 -0.68 -4.63 18.99
C GLY B 177 0.69 -4.15 19.46
N TYR B 178 0.72 -2.92 19.96
CA TYR B 178 1.92 -2.31 20.51
C TYR B 178 1.67 -1.99 21.99
N THR B 179 2.59 -2.40 22.84
CA THR B 179 2.55 -2.07 24.26
C THR B 179 3.77 -1.20 24.58
N MET B 180 3.51 0.06 24.90
CA MET B 180 4.57 1.02 25.16
C MET B 180 4.27 1.79 26.44
N TRP B 181 5.32 2.36 27.02
CA TRP B 181 5.19 3.07 28.29
C TRP B 181 6.37 4.01 28.45
N ILE B 182 6.34 4.78 29.53
CA ILE B 182 7.40 5.73 29.87
C ILE B 182 8.19 5.16 31.04
N ARG B 183 9.52 5.21 30.93
CA ARG B 183 10.41 4.69 31.95
C ARG B 183 11.43 5.74 32.33
N ILE B 184 11.68 5.87 33.63
CA ILE B 184 12.64 6.84 34.17
C ILE B 184 13.71 6.09 34.94
N ASN B 185 14.97 6.42 34.65
CA ASN B 185 16.12 5.84 35.33
C ASN B 185 16.84 6.92 36.12
N HIS B 186 17.31 6.55 37.30
CA HIS B 186 18.02 7.49 38.17
C HIS B 186 18.86 6.70 39.15
N SER B 187 19.43 7.39 40.15
CA SER B 187 20.42 6.79 41.03
C SER B 187 19.83 6.25 42.33
N LEU B 188 18.51 6.20 42.47
CA LEU B 188 17.91 5.60 43.65
C LEU B 188 16.94 4.47 43.31
N GLY B 189 16.98 3.95 42.09
CA GLY B 189 16.10 2.88 41.68
C GLY B 189 15.52 3.18 40.31
N SER B 190 14.40 2.53 40.00
CA SER B 190 13.73 2.73 38.73
C SER B 190 12.22 2.72 38.94
N LEU B 191 11.54 3.67 38.31
CA LEU B 191 10.09 3.76 38.36
C LEU B 191 9.53 3.53 36.96
N ASP B 192 8.41 2.83 36.88
CA ASP B 192 7.74 2.54 35.63
C ASP B 192 6.34 3.14 35.63
N SER B 193 5.96 3.73 34.51
CA SER B 193 4.68 4.38 34.39
C SER B 193 3.58 3.38 34.06
N PRO B 194 2.34 3.67 34.44
CA PRO B 194 1.21 2.84 33.99
C PRO B 194 1.07 2.91 32.49
N PRO B 195 1.18 1.79 31.80
CA PRO B 195 1.19 1.81 30.34
C PRO B 195 -0.18 2.04 29.72
N THR B 196 -0.24 2.02 28.39
CA THR B 196 -1.49 2.12 27.65
C THR B 196 -1.31 1.43 26.31
N CYS B 197 -2.28 0.60 25.93
CA CYS B 197 -2.24 -0.13 24.67
C CYS B 197 -3.03 0.61 23.62
N VAL B 198 -2.48 0.69 22.41
CA VAL B 198 -3.11 1.38 21.30
C VAL B 198 -3.07 0.48 20.07
N LEU B 199 -4.22 0.29 19.45
CA LEU B 199 -4.27 -0.44 18.18
C LEU B 199 -3.95 0.51 17.03
N PRO B 200 -3.11 0.09 16.08
CA PRO B 200 -2.74 1.00 14.99
C PRO B 200 -3.92 1.41 14.12
N ASP B 201 -4.90 0.52 13.94
CA ASP B 201 -6.04 0.82 13.08
C ASP B 201 -7.08 1.71 13.76
N SER B 202 -6.99 1.91 15.07
CA SER B 202 -7.98 2.68 15.81
C SER B 202 -7.63 4.16 15.92
N VAL B 203 -6.47 4.58 15.43
CA VAL B 203 -6.04 5.96 15.57
C VAL B 203 -5.69 6.54 14.19
N VAL B 204 -6.36 6.03 13.15
CA VAL B 204 -6.07 6.44 11.78
C VAL B 204 -7.05 7.53 11.36
N LYS B 205 -6.52 8.65 10.86
CA LYS B 205 -7.39 9.65 10.28
C LYS B 205 -7.10 9.81 8.80
N PRO B 206 -8.11 10.13 7.99
CA PRO B 206 -7.89 10.22 6.53
C PRO B 206 -7.47 11.61 6.07
N LEU B 207 -7.28 11.76 4.77
CA LEU B 207 -7.02 13.05 4.16
C LEU B 207 -8.33 13.78 3.88
N PRO B 208 -8.30 15.10 3.74
CA PRO B 208 -9.51 15.82 3.35
C PRO B 208 -9.96 15.37 1.97
N PRO B 209 -11.27 15.38 1.72
CA PRO B 209 -11.78 14.93 0.42
C PRO B 209 -11.63 16.02 -0.63
N SER B 210 -10.92 15.69 -1.71
CA SER B 210 -10.68 16.66 -2.78
C SER B 210 -11.88 16.74 -3.71
N ASN B 211 -11.83 17.72 -4.60
CA ASN B 211 -12.87 17.96 -5.60
C ASN B 211 -14.24 18.17 -4.95
N VAL B 212 -14.31 19.22 -4.14
CA VAL B 212 -15.57 19.63 -3.52
C VAL B 212 -16.19 20.74 -4.37
N LYS B 213 -17.46 20.55 -4.75
CA LYS B 213 -18.16 21.50 -5.59
C LYS B 213 -19.56 21.71 -5.05
N ALA B 214 -20.24 22.72 -5.59
CA ALA B 214 -21.58 23.05 -5.16
C ALA B 214 -22.30 23.82 -6.26
N GLU B 215 -23.63 23.80 -6.22
CA GLU B 215 -24.43 24.58 -7.14
C GLU B 215 -25.83 24.75 -6.55
N ILE B 216 -26.53 25.76 -7.03
CA ILE B 216 -27.87 26.10 -6.54
C ILE B 216 -28.87 25.71 -7.62
N THR B 217 -29.73 24.74 -7.30
CA THR B 217 -30.79 24.34 -8.20
C THR B 217 -31.91 25.36 -8.10
N VAL B 218 -31.95 26.30 -9.04
CA VAL B 218 -32.88 27.42 -8.96
C VAL B 218 -34.32 26.93 -9.01
N ASN B 219 -34.56 25.72 -9.53
CA ASN B 219 -35.93 25.23 -9.65
C ASN B 219 -36.55 24.95 -8.29
N THR B 220 -35.83 24.22 -7.42
CA THR B 220 -36.41 23.67 -6.20
C THR B 220 -36.09 24.50 -4.97
N GLY B 221 -34.81 24.64 -4.63
CA GLY B 221 -34.44 25.41 -3.47
C GLY B 221 -33.48 24.74 -2.51
N LEU B 222 -33.10 23.50 -2.78
CA LEU B 222 -32.13 22.82 -1.94
C LEU B 222 -30.74 22.96 -2.53
N LEU B 223 -29.75 23.13 -1.66
CA LEU B 223 -28.37 23.26 -2.10
C LEU B 223 -27.80 21.86 -2.36
N LYS B 224 -27.11 21.70 -3.48
CA LYS B 224 -26.58 20.41 -3.89
C LYS B 224 -25.05 20.45 -3.87
N VAL B 225 -24.45 19.51 -3.13
CA VAL B 225 -23.01 19.40 -3.00
C VAL B 225 -22.64 17.92 -3.02
N SER B 226 -21.42 17.61 -3.48
CA SER B 226 -20.95 16.23 -3.62
C SER B 226 -19.45 16.16 -3.39
N TRP B 227 -18.97 14.98 -3.00
CA TRP B 227 -17.55 14.76 -2.78
C TRP B 227 -17.16 13.37 -3.27
N GLU B 228 -15.87 13.06 -3.12
CA GLU B 228 -15.34 11.72 -3.35
C GLU B 228 -14.58 11.29 -2.10
N LYS B 229 -14.81 10.06 -1.64
CA LYS B 229 -14.13 9.58 -0.46
C LYS B 229 -12.64 9.36 -0.75
N PRO B 230 -11.79 9.56 0.24
CA PRO B 230 -10.36 9.29 0.05
C PRO B 230 -10.11 7.81 -0.23
N VAL B 231 -8.94 7.54 -0.81
CA VAL B 231 -8.59 6.16 -1.14
C VAL B 231 -8.43 5.32 0.13
N PHE B 232 -7.90 5.91 1.20
CA PHE B 232 -7.71 5.23 2.47
C PHE B 232 -8.38 6.04 3.57
N PRO B 233 -8.94 5.37 4.59
CA PRO B 233 -9.03 3.92 4.77
C PRO B 233 -10.21 3.33 4.00
N GLU B 234 -10.18 2.03 3.69
CA GLU B 234 -11.25 1.39 2.93
C GLU B 234 -12.52 1.18 3.74
N ASN B 235 -12.48 1.39 5.05
CA ASN B 235 -13.66 1.17 5.86
C ASN B 235 -14.69 2.27 5.61
N ASN B 236 -15.94 1.99 6.00
CA ASN B 236 -17.01 2.94 5.81
C ASN B 236 -16.79 4.19 6.66
N LEU B 237 -17.16 5.35 6.11
CA LEU B 237 -16.91 6.62 6.75
C LEU B 237 -18.18 7.46 6.75
N GLN B 238 -18.31 8.31 7.76
CA GLN B 238 -19.41 9.25 7.88
C GLN B 238 -18.89 10.67 7.69
N PHE B 239 -19.72 11.51 7.08
CA PHE B 239 -19.33 12.85 6.67
C PHE B 239 -20.21 13.89 7.34
N GLN B 240 -19.61 15.01 7.71
CA GLN B 240 -20.30 16.14 8.33
C GLN B 240 -20.06 17.38 7.48
N ILE B 241 -21.09 18.20 7.31
CA ILE B 241 -21.08 19.32 6.37
C ILE B 241 -21.45 20.59 7.09
N ARG B 242 -20.84 21.70 6.66
CA ARG B 242 -21.12 23.02 7.22
C ARG B 242 -21.24 24.03 6.10
N TYR B 243 -22.16 24.97 6.26
CA TYR B 243 -22.44 25.98 5.25
C TYR B 243 -22.65 27.33 5.91
N GLY B 244 -22.59 28.39 5.12
CA GLY B 244 -22.78 29.73 5.64
C GLY B 244 -22.67 30.76 4.54
N LEU B 245 -22.85 32.02 4.93
CA LEU B 245 -22.73 33.15 4.03
C LEU B 245 -21.27 33.47 3.77
N SER B 246 -21.04 34.50 2.95
CA SER B 246 -19.69 34.90 2.56
C SER B 246 -19.40 36.29 3.10
N GLY B 247 -18.24 36.44 3.74
CA GLY B 247 -17.86 37.72 4.30
C GLY B 247 -16.70 37.55 5.26
N LYS B 248 -16.45 38.61 6.02
CA LYS B 248 -15.35 38.60 6.97
C LYS B 248 -15.57 37.56 8.06
N GLU B 249 -16.73 37.61 8.70
CA GLU B 249 -17.09 36.69 9.78
C GLU B 249 -18.21 35.78 9.30
N ILE B 250 -18.19 34.53 9.76
CA ILE B 250 -19.07 33.49 9.25
C ILE B 250 -19.91 32.95 10.40
N GLN B 251 -21.22 32.98 10.25
CA GLN B 251 -22.16 32.37 11.19
C GLN B 251 -22.55 31.00 10.63
N TRP B 252 -21.73 30.01 10.93
CA TRP B 252 -21.85 28.71 10.29
C TRP B 252 -23.10 27.98 10.78
N LYS B 253 -23.46 26.93 10.05
CA LYS B 253 -24.49 25.98 10.47
C LYS B 253 -23.96 24.58 10.20
N THR B 254 -24.32 23.63 11.06
CA THR B 254 -23.75 22.30 11.03
C THR B 254 -24.78 21.26 10.60
N HIS B 255 -24.33 20.26 9.85
CA HIS B 255 -25.18 19.16 9.42
C HIS B 255 -24.29 17.98 9.07
N GLU B 256 -24.88 16.78 9.05
CA GLU B 256 -24.13 15.56 8.83
C GLU B 256 -24.88 14.65 7.87
N VAL B 257 -24.15 13.72 7.28
CA VAL B 257 -24.71 12.65 6.47
C VAL B 257 -24.15 11.32 6.99
N PHE B 258 -25.04 10.38 7.27
CA PHE B 258 -24.64 9.11 7.88
C PHE B 258 -24.33 8.04 6.83
N ASP B 259 -25.20 7.88 5.85
CA ASP B 259 -25.03 6.84 4.84
C ASP B 259 -23.71 7.01 4.11
N ALA B 260 -22.79 6.05 4.30
CA ALA B 260 -21.47 6.15 3.71
C ALA B 260 -21.53 6.11 2.19
N LYS B 261 -22.48 5.38 1.62
CA LYS B 261 -22.60 5.24 0.18
C LYS B 261 -23.12 6.51 -0.49
N SER B 262 -23.60 7.49 0.27
CA SER B 262 -24.21 8.69 -0.30
C SER B 262 -23.11 9.67 -0.71
N LYS B 263 -22.98 9.89 -2.02
CA LYS B 263 -22.08 10.90 -2.55
C LYS B 263 -22.79 12.21 -2.84
N SER B 264 -24.07 12.33 -2.49
CA SER B 264 -24.85 13.53 -2.76
C SER B 264 -25.68 13.87 -1.53
N ALA B 265 -26.08 15.13 -1.42
CA ALA B 265 -26.83 15.60 -0.27
C ALA B 265 -27.77 16.73 -0.71
N SER B 266 -28.77 16.98 0.12
CA SER B 266 -29.75 18.03 -0.11
C SER B 266 -29.98 18.79 1.18
N LEU B 267 -30.13 20.11 1.08
CA LEU B 267 -30.07 20.96 2.26
C LEU B 267 -31.01 22.14 2.11
N LEU B 268 -31.85 22.37 3.12
CA LEU B 268 -32.75 23.52 3.11
C LEU B 268 -31.96 24.80 3.40
N VAL B 269 -32.29 25.86 2.67
CA VAL B 269 -31.53 27.10 2.69
C VAL B 269 -32.48 28.28 2.83
N SER B 270 -31.89 29.47 3.02
CA SER B 270 -32.66 30.68 3.25
C SER B 270 -32.54 31.71 2.13
N ASP B 271 -31.38 31.83 1.50
CA ASP B 271 -31.19 32.73 0.38
C ASP B 271 -30.52 31.97 -0.76
N LEU B 272 -30.83 32.36 -2.00
CA LEU B 272 -30.28 31.64 -3.14
C LEU B 272 -29.68 32.58 -4.18
N CYS B 273 -30.09 33.84 -4.20
CA CYS B 273 -29.51 34.79 -5.15
C CYS B 273 -28.07 35.15 -4.79
N ALA B 274 -27.65 34.92 -3.55
CA ALA B 274 -26.31 35.23 -3.11
C ALA B 274 -25.41 34.00 -3.30
N VAL B 275 -24.23 34.03 -2.70
CA VAL B 275 -23.23 32.98 -2.84
C VAL B 275 -22.97 32.36 -1.47
N TYR B 276 -23.04 31.04 -1.38
CA TYR B 276 -22.77 30.31 -0.14
C TYR B 276 -21.35 29.77 -0.12
N VAL B 277 -20.94 29.28 1.04
CA VAL B 277 -19.65 28.64 1.25
C VAL B 277 -19.89 27.31 1.95
N VAL B 278 -19.19 26.26 1.51
CA VAL B 278 -19.38 24.92 2.06
C VAL B 278 -18.04 24.20 2.13
N GLN B 279 -17.88 23.34 3.12
CA GLN B 279 -16.76 22.43 3.24
C GLN B 279 -17.23 21.12 3.85
N VAL B 280 -16.36 20.11 3.84
CA VAL B 280 -16.71 18.78 4.32
C VAL B 280 -15.52 18.19 5.09
N ARG B 281 -15.81 17.17 5.90
CA ARG B 281 -14.79 16.38 6.57
C ARG B 281 -15.34 14.99 6.82
N CYS B 282 -14.45 14.03 7.01
CA CYS B 282 -14.83 12.62 7.07
C CYS B 282 -14.11 11.92 8.21
N ARG B 283 -14.75 10.86 8.70
CA ARG B 283 -14.20 10.04 9.78
C ARG B 283 -14.85 8.66 9.73
N ARG B 284 -14.23 7.71 10.42
CA ARG B 284 -14.74 6.35 10.46
C ARG B 284 -16.08 6.27 11.18
N LEU B 285 -16.94 5.37 10.72
CA LEU B 285 -18.30 5.29 11.25
C LEU B 285 -18.31 4.78 12.68
N ASP B 286 -17.46 3.80 13.00
CA ASP B 286 -17.50 3.18 14.33
C ASP B 286 -17.17 4.18 15.43
N GLY B 287 -16.18 5.04 15.19
CA GLY B 287 -15.81 6.03 16.19
C GLY B 287 -14.31 6.14 16.39
N LEU B 288 -13.58 5.10 16.03
CA LEU B 288 -12.13 5.12 16.16
C LEU B 288 -11.51 6.11 15.18
N GLY B 289 -10.26 6.45 15.43
CA GLY B 289 -9.60 7.48 14.66
C GLY B 289 -9.96 8.87 15.15
N TYR B 290 -9.73 9.85 14.29
CA TYR B 290 -9.99 11.25 14.61
C TYR B 290 -10.50 11.98 13.40
N TRP B 291 -11.12 13.14 13.65
CA TRP B 291 -11.61 13.98 12.57
C TRP B 291 -10.46 14.43 11.68
N SER B 292 -10.75 14.63 10.40
CA SER B 292 -9.73 14.96 9.40
C SER B 292 -9.98 16.39 8.91
N ASN B 293 -9.42 17.36 9.63
CA ASN B 293 -9.58 18.78 9.32
C ASN B 293 -10.95 19.17 8.76
N TRP B 294 -10.89 19.75 7.57
CA TRP B 294 -12.01 20.27 6.82
C TRP B 294 -11.65 20.10 5.35
N SER B 295 -12.34 20.79 4.46
CA SER B 295 -12.00 20.74 3.05
C SER B 295 -11.70 22.13 2.51
N SER B 296 -11.07 22.16 1.35
CA SER B 296 -10.68 23.41 0.73
C SER B 296 -11.90 24.28 0.42
N PRO B 297 -11.79 25.59 0.59
CA PRO B 297 -12.96 26.47 0.36
C PRO B 297 -13.39 26.44 -1.10
N ALA B 298 -14.62 26.02 -1.33
CA ALA B 298 -15.22 26.01 -2.65
C ALA B 298 -16.36 27.02 -2.67
N TYR B 299 -16.29 27.98 -3.59
CA TYR B 299 -17.23 29.08 -3.64
C TYR B 299 -18.31 28.80 -4.67
N THR B 300 -19.54 29.11 -4.31
CA THR B 300 -20.68 28.78 -5.15
C THR B 300 -20.93 29.87 -6.19
N LEU B 301 -21.71 29.52 -7.21
CA LEU B 301 -22.01 30.45 -8.29
C LEU B 301 -23.50 30.68 -8.44
N VAL C 1 -10.60 -14.43 21.04
CA VAL C 1 -11.34 -13.46 20.25
C VAL C 1 -12.41 -14.15 19.43
N PRO C 2 -13.55 -13.48 19.26
CA PRO C 2 -14.64 -14.08 18.47
C PRO C 2 -14.23 -14.31 17.03
N ILE C 3 -14.80 -15.37 16.43
CA ILE C 3 -14.43 -15.76 15.07
C ILE C 3 -14.90 -14.74 14.05
N GLN C 4 -16.04 -14.09 14.30
CA GLN C 4 -16.62 -13.20 13.30
C GLN C 4 -15.78 -11.95 13.11
N LYS C 5 -15.25 -11.44 14.21
CA LYS C 5 -14.39 -10.27 14.17
C LYS C 5 -13.14 -10.64 13.38
N VAL C 6 -12.64 -11.86 13.61
CA VAL C 6 -11.47 -12.36 12.89
C VAL C 6 -11.75 -12.41 11.40
N GLN C 7 -12.91 -12.92 11.01
CA GLN C 7 -13.24 -13.02 9.59
C GLN C 7 -13.34 -11.63 8.95
N ASP C 8 -13.98 -10.70 9.65
CA ASP C 8 -14.08 -9.33 9.11
C ASP C 8 -12.70 -8.70 8.96
N ASP C 9 -11.83 -8.89 9.96
CA ASP C 9 -10.48 -8.36 9.88
C ASP C 9 -9.71 -8.97 8.72
N THR C 10 -9.85 -10.29 8.51
CA THR C 10 -9.21 -10.94 7.37
C THR C 10 -9.69 -10.33 6.06
N LYS C 11 -11.01 -10.18 5.91
CA LYS C 11 -11.55 -9.65 4.66
C LYS C 11 -11.04 -8.24 4.40
N THR C 12 -11.04 -7.41 5.45
CA THR C 12 -10.53 -6.06 5.29
C THR C 12 -9.05 -6.07 4.92
N LEU C 13 -8.29 -7.00 5.50
CA LEU C 13 -6.86 -7.10 5.18
C LEU C 13 -6.65 -7.44 3.71
N ILE C 14 -7.42 -8.42 3.20
CA ILE C 14 -7.30 -8.75 1.78
C ILE C 14 -7.64 -7.53 0.93
N LYS C 15 -8.72 -6.83 1.26
CA LYS C 15 -9.12 -5.70 0.44
C LYS C 15 -8.06 -4.59 0.45
N THR C 16 -7.49 -4.28 1.62
CA THR C 16 -6.50 -3.22 1.68
C THR C 16 -5.23 -3.62 0.93
N ILE C 17 -4.77 -4.86 1.10
CA ILE C 17 -3.51 -5.24 0.45
C ILE C 17 -3.71 -5.28 -1.06
N VAL C 18 -4.90 -5.70 -1.51
CA VAL C 18 -5.19 -5.65 -2.94
C VAL C 18 -5.15 -4.22 -3.45
N THR C 19 -5.72 -3.28 -2.68
CA THR C 19 -5.69 -1.88 -3.12
C THR C 19 -4.26 -1.35 -3.20
N ARG C 20 -3.41 -1.68 -2.21
CA ARG C 20 -2.01 -1.26 -2.29
C ARG C 20 -1.32 -1.84 -3.52
N ILE C 21 -1.55 -3.13 -3.79
CA ILE C 21 -0.97 -3.73 -4.98
C ILE C 21 -1.46 -3.00 -6.23
N ASN C 22 -2.74 -2.61 -6.24
CA ASN C 22 -3.31 -1.94 -7.40
C ASN C 22 -2.66 -0.59 -7.66
N ASP C 23 -2.59 0.26 -6.63
CA ASP C 23 -2.10 1.61 -6.92
C ASP C 23 -0.58 1.65 -7.00
N ILE C 24 0.10 0.60 -6.53
CA ILE C 24 1.54 0.54 -6.80
C ILE C 24 1.81 -0.09 -8.15
N SER C 25 0.84 -0.84 -8.68
CA SER C 25 1.00 -1.49 -9.97
C SER C 25 0.46 -0.68 -11.14
N HIS C 26 -0.20 0.46 -10.87
CA HIS C 26 -0.67 1.30 -11.95
C HIS C 26 0.47 1.83 -12.80
N THR C 27 1.56 2.24 -12.15
CA THR C 27 2.77 2.64 -12.87
C THR C 27 3.54 1.45 -13.43
N GLN C 28 3.24 0.24 -12.97
CA GLN C 28 3.86 -0.99 -13.45
C GLN C 28 2.84 -1.86 -14.17
N SER C 29 2.01 -1.25 -15.00
CA SER C 29 0.93 -1.97 -15.67
C SER C 29 1.47 -3.07 -16.56
N VAL C 30 0.85 -4.25 -16.46
CA VAL C 30 1.25 -5.42 -17.23
C VAL C 30 0.01 -6.04 -17.85
N SER C 31 0.23 -6.83 -18.89
CA SER C 31 -0.84 -7.54 -19.58
C SER C 31 -0.72 -9.03 -19.31
N ALA C 32 -1.87 -9.68 -19.10
CA ALA C 32 -1.87 -11.09 -18.72
C ALA C 32 -1.48 -12.03 -19.84
N LYS C 33 -1.62 -11.58 -21.09
CA LYS C 33 -1.30 -12.41 -22.26
C LYS C 33 0.19 -12.57 -22.56
N GLN C 34 1.04 -12.18 -21.62
CA GLN C 34 2.48 -12.28 -21.78
C GLN C 34 3.04 -13.21 -20.70
N ARG C 35 3.54 -14.36 -21.11
CA ARG C 35 4.14 -15.33 -20.21
C ARG C 35 5.65 -15.27 -20.32
N VAL C 36 6.33 -15.29 -19.17
CA VAL C 36 7.79 -15.24 -19.12
C VAL C 36 8.29 -16.50 -18.43
N THR C 37 9.19 -17.21 -19.09
CA THR C 37 9.76 -18.41 -18.52
C THR C 37 10.75 -18.07 -17.42
N GLY C 38 11.26 -19.09 -16.75
CA GLY C 38 12.17 -18.89 -15.65
C GLY C 38 11.51 -18.52 -14.34
N LEU C 39 10.18 -18.45 -14.30
CA LEU C 39 9.44 -18.16 -13.08
C LEU C 39 8.38 -19.22 -12.81
N ASP C 40 8.70 -20.48 -13.13
CA ASP C 40 7.76 -21.57 -12.90
C ASP C 40 7.45 -21.77 -11.42
N PHE C 41 8.37 -21.35 -10.54
CA PHE C 41 8.15 -21.52 -9.10
C PHE C 41 7.29 -20.41 -8.51
N ILE C 42 6.97 -19.37 -9.28
CA ILE C 42 5.96 -18.39 -8.88
C ILE C 42 4.59 -18.98 -9.17
N PRO C 43 3.71 -19.10 -8.17
CA PRO C 43 2.40 -19.72 -8.42
C PRO C 43 1.37 -18.74 -8.92
N GLY C 44 0.17 -19.23 -9.21
CA GLY C 44 -0.91 -18.39 -9.68
C GLY C 44 -1.63 -18.96 -10.88
N LEU C 45 -1.14 -20.09 -11.39
CA LEU C 45 -1.70 -20.71 -12.58
C LEU C 45 -2.77 -21.75 -12.28
N HIS C 46 -3.05 -22.01 -11.00
CA HIS C 46 -4.06 -22.97 -10.62
C HIS C 46 -4.98 -22.37 -9.56
N PRO C 47 -6.25 -22.77 -9.53
CA PRO C 47 -7.13 -22.34 -8.45
C PRO C 47 -6.70 -22.90 -7.11
N ILE C 48 -6.98 -22.14 -6.05
CA ILE C 48 -6.59 -22.50 -4.70
C ILE C 48 -7.84 -22.84 -3.91
N LEU C 49 -7.86 -24.06 -3.35
CA LEU C 49 -9.03 -24.55 -2.62
C LEU C 49 -8.71 -24.85 -1.16
N SER C 50 -7.68 -25.65 -0.88
CA SER C 50 -7.40 -26.13 0.46
C SER C 50 -6.52 -25.14 1.22
N LEU C 51 -6.64 -25.20 2.56
CA LEU C 51 -5.96 -24.24 3.42
C LEU C 51 -4.44 -24.32 3.27
N SER C 52 -3.90 -25.53 3.29
CA SER C 52 -2.44 -25.70 3.25
C SER C 52 -1.86 -25.15 1.96
N LYS C 53 -2.57 -25.29 0.85
CA LYS C 53 -2.10 -24.70 -0.40
C LYS C 53 -1.99 -23.19 -0.30
N MET C 54 -2.99 -22.55 0.29
CA MET C 54 -2.91 -21.10 0.50
C MET C 54 -1.74 -20.74 1.39
N ASP C 55 -1.54 -21.50 2.48
CA ASP C 55 -0.43 -21.19 3.38
C ASP C 55 0.91 -21.29 2.68
N GLN C 56 1.13 -22.38 1.93
CA GLN C 56 2.40 -22.56 1.24
C GLN C 56 2.60 -21.51 0.15
N THR C 57 1.55 -21.22 -0.61
CA THR C 57 1.68 -20.22 -1.68
C THR C 57 1.96 -18.84 -1.10
N LEU C 58 1.29 -18.47 -0.02
CA LEU C 58 1.57 -17.19 0.62
C LEU C 58 2.97 -17.13 1.21
N ALA C 59 3.46 -18.25 1.75
CA ALA C 59 4.84 -18.28 2.24
C ALA C 59 5.82 -18.06 1.10
N VAL C 60 5.58 -18.71 -0.05
CA VAL C 60 6.43 -18.52 -1.21
C VAL C 60 6.38 -17.08 -1.68
N TYR C 61 5.19 -16.49 -1.71
CA TYR C 61 5.04 -15.09 -2.11
C TYR C 61 5.80 -14.17 -1.17
N GLN C 62 5.70 -14.42 0.14
CA GLN C 62 6.45 -13.62 1.11
C GLN C 62 7.95 -13.76 0.87
N GLN C 63 8.42 -14.98 0.62
CA GLN C 63 9.85 -15.18 0.37
C GLN C 63 10.31 -14.38 -0.83
N VAL C 64 9.61 -14.49 -1.96
CA VAL C 64 10.05 -13.77 -3.15
C VAL C 64 9.93 -12.27 -2.95
N LEU C 65 8.96 -11.82 -2.14
CA LEU C 65 8.77 -10.39 -1.96
C LEU C 65 9.90 -9.81 -1.12
N THR C 66 10.29 -10.50 -0.05
CA THR C 66 11.47 -10.05 0.70
C THR C 66 12.76 -10.30 -0.06
N SER C 67 12.73 -11.08 -1.13
CA SER C 67 13.92 -11.21 -1.97
C SER C 67 14.20 -9.94 -2.77
N LEU C 68 13.27 -8.97 -2.78
CA LEU C 68 13.42 -7.74 -3.55
C LEU C 68 13.77 -6.57 -2.64
N PRO C 69 14.77 -5.76 -3.01
CA PRO C 69 15.27 -4.66 -2.15
C PRO C 69 14.56 -3.33 -2.37
N SER C 70 13.35 -3.19 -1.84
CA SER C 70 12.64 -1.92 -1.88
C SER C 70 11.70 -1.80 -0.69
N GLN C 71 11.47 -0.56 -0.26
CA GLN C 71 10.73 -0.31 0.98
C GLN C 71 9.27 -0.69 0.86
N ASN C 72 8.60 -0.25 -0.21
CA ASN C 72 7.20 -0.59 -0.40
C ASN C 72 7.02 -2.10 -0.49
N VAL C 73 7.94 -2.77 -1.19
CA VAL C 73 7.93 -4.23 -1.24
C VAL C 73 8.06 -4.83 0.14
N LEU C 74 8.90 -4.22 0.99
CA LEU C 74 9.00 -4.66 2.38
C LEU C 74 7.65 -4.55 3.09
N GLN C 75 6.94 -3.46 2.85
CA GLN C 75 5.61 -3.31 3.45
C GLN C 75 4.66 -4.39 2.97
N ILE C 76 4.65 -4.66 1.66
CA ILE C 76 3.79 -5.73 1.15
C ILE C 76 4.14 -7.06 1.80
N ALA C 77 5.44 -7.34 1.95
CA ALA C 77 5.84 -8.58 2.60
C ALA C 77 5.35 -8.67 4.04
N ASN C 78 5.42 -7.55 4.77
CA ASN C 78 4.96 -7.53 6.15
C ASN C 78 3.46 -7.79 6.23
N ASP C 79 2.70 -7.17 5.33
CA ASP C 79 1.26 -7.41 5.27
C ASP C 79 0.95 -8.86 4.93
N LEU C 80 1.68 -9.48 4.00
CA LEU C 80 1.43 -10.89 3.71
C LEU C 80 1.77 -11.78 4.89
N GLU C 81 2.81 -11.42 5.66
CA GLU C 81 3.11 -12.20 6.86
C GLU C 81 1.98 -12.10 7.87
N ASN C 82 1.43 -10.90 8.06
CA ASN C 82 0.27 -10.76 8.94
C ASN C 82 -0.92 -11.56 8.41
N LEU C 83 -1.11 -11.56 7.09
CA LEU C 83 -2.18 -12.35 6.49
C LEU C 83 -1.98 -13.83 6.76
N ARG C 84 -0.74 -14.32 6.65
CA ARG C 84 -0.47 -15.73 6.92
C ARG C 84 -0.78 -16.07 8.36
N ASP C 85 -0.39 -15.21 9.29
CA ASP C 85 -0.72 -15.44 10.70
C ASP C 85 -2.24 -15.48 10.90
N LEU C 86 -2.96 -14.57 10.25
CA LEU C 86 -4.42 -14.57 10.33
C LEU C 86 -5.01 -15.87 9.78
N LEU C 87 -4.47 -16.35 8.65
CA LEU C 87 -4.96 -17.58 8.06
C LEU C 87 -4.69 -18.77 8.96
N HIS C 88 -3.54 -18.80 9.62
CA HIS C 88 -3.26 -19.85 10.59
C HIS C 88 -4.22 -19.79 11.76
N LEU C 89 -4.55 -18.57 12.22
CA LEU C 89 -5.55 -18.42 13.26
C LEU C 89 -6.88 -19.02 12.81
N LEU C 90 -7.29 -18.73 11.58
CA LEU C 90 -8.53 -19.30 11.05
C LEU C 90 -8.45 -20.83 10.98
N ALA C 91 -7.32 -21.36 10.53
CA ALA C 91 -7.17 -22.79 10.40
C ALA C 91 -7.30 -23.48 11.75
N PHE C 92 -6.68 -22.92 12.79
CA PHE C 92 -6.88 -23.47 14.12
C PHE C 92 -8.32 -23.26 14.60
N SER C 93 -8.96 -22.18 14.15
CA SER C 93 -10.34 -21.94 14.52
C SER C 93 -11.26 -23.03 13.99
N LYS C 94 -10.97 -23.54 12.79
CA LYS C 94 -11.80 -24.58 12.20
C LYS C 94 -11.77 -25.90 12.98
N SER C 95 -11.03 -25.97 14.10
CA SER C 95 -10.98 -27.15 14.96
C SER C 95 -10.48 -28.38 14.21
N CYS C 96 -9.54 -28.19 13.30
CA CYS C 96 -8.84 -29.29 12.64
C CYS C 96 -7.42 -29.36 13.16
N SER C 97 -7.03 -30.51 13.70
CA SER C 97 -5.78 -30.65 14.44
C SER C 97 -4.69 -31.34 13.63
N LEU C 98 -4.62 -31.07 12.33
CA LEU C 98 -3.50 -31.57 11.54
C LEU C 98 -2.22 -30.83 11.94
N PRO C 99 -1.15 -31.53 12.29
CA PRO C 99 0.06 -30.86 12.76
C PRO C 99 0.59 -29.88 11.74
N GLN C 100 1.09 -28.75 12.24
CA GLN C 100 1.55 -27.66 11.38
C GLN C 100 2.93 -28.01 10.81
N THR C 101 3.04 -28.07 9.49
CA THR C 101 4.30 -28.27 8.79
C THR C 101 4.44 -27.16 7.77
N SER C 102 5.59 -26.49 7.76
CA SER C 102 5.81 -25.36 6.86
C SER C 102 7.27 -25.33 6.43
N GLY C 103 7.52 -24.63 5.33
CA GLY C 103 8.87 -24.46 4.81
C GLY C 103 9.06 -25.02 3.43
N LEU C 104 10.16 -25.76 3.23
CA LEU C 104 10.43 -26.48 1.99
C LEU C 104 10.51 -25.50 0.81
N GLN C 105 11.55 -24.68 0.83
CA GLN C 105 11.91 -23.84 -0.31
C GLN C 105 13.41 -23.94 -0.58
N LYS C 106 13.75 -24.23 -1.84
CA LYS C 106 15.14 -24.32 -2.30
C LYS C 106 15.32 -23.34 -3.45
N PRO C 107 15.33 -22.05 -3.16
CA PRO C 107 15.26 -21.02 -4.23
C PRO C 107 16.61 -20.51 -4.73
N GLU C 108 17.35 -21.37 -5.43
CA GLU C 108 18.53 -20.90 -6.15
C GLU C 108 18.14 -20.12 -7.39
N SER C 109 17.14 -20.61 -8.13
CA SER C 109 16.62 -19.89 -9.28
C SER C 109 16.12 -18.52 -8.88
N LEU C 110 15.60 -18.38 -7.65
CA LEU C 110 15.17 -17.07 -7.17
C LEU C 110 16.33 -16.09 -7.14
N ASP C 111 17.45 -16.49 -6.56
CA ASP C 111 18.62 -15.61 -6.54
C ASP C 111 19.11 -15.32 -7.95
N GLY C 112 19.06 -16.32 -8.83
CA GLY C 112 19.49 -16.10 -10.20
C GLY C 112 18.67 -15.04 -10.90
N VAL C 113 17.34 -15.16 -10.82
CA VAL C 113 16.51 -14.18 -11.50
C VAL C 113 16.61 -12.82 -10.82
N LEU C 114 16.75 -12.80 -9.49
CA LEU C 114 16.90 -11.53 -8.79
C LEU C 114 18.15 -10.79 -9.24
N GLU C 115 19.27 -11.51 -9.38
CA GLU C 115 20.47 -10.87 -9.88
C GLU C 115 20.45 -10.64 -11.38
N ALA C 116 19.50 -11.24 -12.10
CA ALA C 116 19.43 -11.07 -13.54
C ALA C 116 18.19 -10.31 -14.01
N SER C 117 17.04 -10.52 -13.38
CA SER C 117 15.75 -10.08 -13.91
C SER C 117 14.91 -9.40 -12.84
N LEU C 118 15.51 -8.42 -12.15
CA LEU C 118 14.83 -7.69 -11.08
C LEU C 118 13.45 -7.20 -11.50
N TYR C 119 13.38 -6.44 -12.59
CA TYR C 119 12.12 -5.83 -13.01
C TYR C 119 11.06 -6.88 -13.32
N SER C 120 11.42 -7.86 -14.15
CA SER C 120 10.46 -8.88 -14.54
C SER C 120 9.98 -9.67 -13.33
N THR C 121 10.90 -10.04 -12.44
CA THR C 121 10.51 -10.75 -11.23
C THR C 121 9.52 -9.93 -10.42
N GLU C 122 9.81 -8.64 -10.24
CA GLU C 122 8.92 -7.78 -9.46
C GLU C 122 7.53 -7.74 -10.07
N VAL C 123 7.44 -7.45 -11.37
CA VAL C 123 6.13 -7.24 -11.97
C VAL C 123 5.33 -8.54 -12.00
N VAL C 124 5.98 -9.65 -12.39
CA VAL C 124 5.27 -10.92 -12.47
C VAL C 124 4.83 -11.38 -11.08
N ALA C 125 5.70 -11.23 -10.08
CA ALA C 125 5.32 -11.61 -8.73
C ALA C 125 4.14 -10.78 -8.24
N LEU C 126 4.16 -9.47 -8.46
CA LEU C 126 3.06 -8.63 -8.02
C LEU C 126 1.75 -9.02 -8.73
N SER C 127 1.81 -9.23 -10.05
CA SER C 127 0.60 -9.56 -10.79
C SER C 127 0.02 -10.89 -10.34
N ARG C 128 0.87 -11.92 -10.25
CA ARG C 128 0.37 -13.23 -9.86
C ARG C 128 -0.09 -13.24 -8.41
N LEU C 129 0.55 -12.47 -7.54
CA LEU C 129 0.11 -12.39 -6.16
C LEU C 129 -1.24 -11.70 -6.07
N GLN C 130 -1.46 -10.65 -6.87
CA GLN C 130 -2.76 -9.99 -6.88
C GLN C 130 -3.85 -10.92 -7.39
N GLY C 131 -3.54 -11.67 -8.45
CA GLY C 131 -4.51 -12.66 -8.93
C GLY C 131 -4.81 -13.71 -7.90
N SER C 132 -3.78 -14.18 -7.19
CA SER C 132 -3.98 -15.17 -6.14
C SER C 132 -4.88 -14.61 -5.04
N LEU C 133 -4.62 -13.36 -4.62
CA LEU C 133 -5.44 -12.75 -3.58
C LEU C 133 -6.89 -12.62 -4.03
N GLN C 134 -7.11 -12.25 -5.29
CA GLN C 134 -8.49 -12.23 -5.78
C GLN C 134 -9.12 -13.62 -5.73
N ASP C 135 -8.36 -14.67 -6.05
CA ASP C 135 -8.90 -16.02 -5.94
C ASP C 135 -9.27 -16.37 -4.51
N ILE C 136 -8.40 -16.01 -3.55
CA ILE C 136 -8.71 -16.29 -2.14
C ILE C 136 -9.95 -15.52 -1.71
N LEU C 137 -10.07 -14.26 -2.12
CA LEU C 137 -11.26 -13.49 -1.78
C LEU C 137 -12.51 -14.13 -2.39
N GLN C 138 -12.38 -14.65 -3.61
CA GLN C 138 -13.52 -15.31 -4.26
C GLN C 138 -13.93 -16.57 -3.50
N GLN C 139 -12.97 -17.37 -3.07
CA GLN C 139 -13.28 -18.66 -2.46
C GLN C 139 -13.42 -18.60 -0.95
N LEU C 140 -13.22 -17.44 -0.34
CA LEU C 140 -13.36 -17.33 1.11
C LEU C 140 -14.81 -17.53 1.55
N ASP C 141 -15.75 -16.99 0.79
CA ASP C 141 -17.17 -17.07 1.13
C ASP C 141 -17.67 -18.51 1.07
C1 NAG D . 15.18 9.19 -38.10
C2 NAG D . 16.35 9.59 -39.01
C3 NAG D . 15.91 10.63 -40.04
C4 NAG D . 14.69 10.14 -40.79
C5 NAG D . 13.59 9.76 -39.80
C6 NAG D . 12.36 9.18 -40.46
C7 NAG D . 17.71 11.03 -37.43
C8 NAG D . 16.52 11.91 -37.15
N2 NAG D . 17.55 10.00 -38.28
O3 NAG D . 16.98 10.87 -40.96
O4 NAG D . 14.20 11.16 -41.65
O5 NAG D . 14.07 8.76 -38.90
O6 NAG D . 11.60 8.41 -39.55
O7 NAG D . 18.79 11.24 -36.89
C1 NAG E . -4.76 19.62 8.27
C2 NAG E . -4.09 18.71 9.29
C3 NAG E . -2.60 19.04 9.42
C4 NAG E . -1.93 19.02 8.04
C5 NAG E . -2.69 19.93 7.08
C6 NAG E . -2.16 19.86 5.66
C7 NAG E . -4.71 17.87 11.52
C8 NAG E . -5.43 18.16 12.80
N2 NAG E . -4.73 18.82 10.59
O3 NAG E . -1.97 18.09 10.26
O4 NAG E . -0.59 19.48 8.15
O5 NAG E . -4.06 19.52 7.02
O6 NAG E . -3.12 19.32 4.77
O7 NAG E . -4.12 16.80 11.33
#